data_3QU3
#
_entry.id   3QU3
#
_cell.length_a   68.588
_cell.length_b   68.588
_cell.length_c   68.610
_cell.angle_alpha   90.00
_cell.angle_beta   90.00
_cell.angle_gamma   120.00
#
_symmetry.space_group_name_H-M   'P 31'
#
loop_
_entity.id
_entity.type
_entity.pdbx_description
1 polymer 'Interferon regulatory factor 7'
2 non-polymer 'SODIUM ION'
3 non-polymer 1,2-ETHANEDIOL
4 water water
#
_entity_poly.entity_id   1
_entity_poly.type   'polypeptide(L)'
_entity_poly.pdbx_seq_one_letter_code
;GSHMAEVRGVQRVLFGDWLLGEVSSGQYEGLQWLNEARTVFRVPWKHFGRRDLDEEDAQIFKAWAVARGRWPPSGVNLPP
PEAEAAERRERRGWKTNFRCALHSTGRFILRQDNSGDPVDPHKVYELSRELGSTVGP
;
_entity_poly.pdbx_strand_id   A,B,C
#
loop_
_chem_comp.id
_chem_comp.type
_chem_comp.name
_chem_comp.formula
EDO non-polymer 1,2-ETHANEDIOL 'C2 H6 O2'
NA non-polymer 'SODIUM ION' 'Na 1'
#
# COMPACT_ATOMS: atom_id res chain seq x y z
N ARG A 12 -31.09 -0.09 -19.53
CA ARG A 12 -30.88 0.41 -18.18
C ARG A 12 -30.49 -0.69 -17.20
N VAL A 13 -29.27 -0.56 -16.70
CA VAL A 13 -28.77 -1.42 -15.65
C VAL A 13 -28.15 -0.48 -14.64
N LEU A 14 -28.03 -0.91 -13.40
CA LEU A 14 -27.38 -0.11 -12.38
C LEU A 14 -25.85 -0.14 -12.58
N PHE A 15 -25.20 0.96 -12.21
CA PHE A 15 -23.73 1.07 -12.29
C PHE A 15 -22.97 -0.12 -11.71
N GLY A 16 -23.37 -0.54 -10.51
CA GLY A 16 -22.75 -1.66 -9.82
C GLY A 16 -22.72 -2.94 -10.62
N ASP A 17 -23.86 -3.29 -11.23
CA ASP A 17 -23.95 -4.45 -12.12
C ASP A 17 -23.19 -4.22 -13.42
N TRP A 18 -23.32 -3.01 -13.98
CA TRP A 18 -22.46 -2.63 -15.09
C TRP A 18 -20.98 -2.83 -14.73
N LEU A 19 -20.57 -2.25 -13.61
CA LEU A 19 -19.16 -2.28 -13.25
C LEU A 19 -18.64 -3.70 -13.03
N LEU A 20 -19.46 -4.55 -12.43
CA LEU A 20 -19.05 -5.93 -12.16
C LEU A 20 -18.85 -6.68 -13.46
N GLY A 21 -19.64 -6.35 -14.47
CA GLY A 21 -19.48 -6.92 -15.79
C GLY A 21 -18.18 -6.52 -16.46
N GLU A 22 -17.72 -5.30 -16.19
CA GLU A 22 -16.45 -4.81 -16.71
C GLU A 22 -15.25 -5.41 -15.96
N VAL A 23 -15.38 -5.52 -14.64
CA VAL A 23 -14.40 -6.21 -13.82
C VAL A 23 -14.19 -7.64 -14.29
N SER A 24 -15.28 -8.39 -14.46
CA SER A 24 -15.20 -9.77 -14.85
C SER A 24 -14.72 -9.93 -16.27
N SER A 25 -14.88 -8.88 -17.08
CA SER A 25 -14.38 -8.90 -18.44
C SER A 25 -12.85 -8.99 -18.44
N GLY A 26 -12.21 -8.40 -17.44
CA GLY A 26 -10.77 -8.37 -17.40
C GLY A 26 -10.15 -7.52 -18.50
N GLN A 27 -10.97 -6.69 -19.14
CA GLN A 27 -10.50 -5.85 -20.25
C GLN A 27 -9.80 -4.58 -19.80
N TYR A 28 -10.04 -4.15 -18.57
CA TYR A 28 -9.41 -2.94 -18.06
C TYR A 28 -8.29 -3.20 -17.06
N GLU A 29 -7.10 -2.71 -17.39
CA GLU A 29 -5.94 -2.83 -16.51
C GLU A 29 -6.20 -2.23 -15.11
N GLY A 30 -5.95 -3.02 -14.07
CA GLY A 30 -6.12 -2.56 -12.72
C GLY A 30 -7.52 -2.80 -12.21
N LEU A 31 -8.46 -3.09 -13.11
CA LEU A 31 -9.85 -3.37 -12.72
C LEU A 31 -10.07 -4.87 -12.76
N GLN A 32 -9.82 -5.55 -11.63
N GLN A 32 -9.83 -5.54 -11.63
CA GLN A 32 -9.84 -7.00 -11.61
CA GLN A 32 -9.83 -7.00 -11.59
C GLN A 32 -10.40 -7.57 -10.30
C GLN A 32 -10.39 -7.58 -10.29
N TRP A 33 -10.90 -8.80 -10.37
CA TRP A 33 -11.27 -9.57 -9.18
C TRP A 33 -10.02 -10.02 -8.42
N LEU A 34 -10.10 -10.10 -7.11
CA LEU A 34 -8.94 -10.48 -6.28
C LEU A 34 -9.07 -11.86 -5.65
N ASN A 35 -10.24 -12.47 -5.79
CA ASN A 35 -10.44 -13.86 -5.40
C ASN A 35 -11.27 -14.64 -6.42
N GLU A 36 -11.14 -15.96 -6.36
CA GLU A 36 -11.94 -16.84 -7.21
C GLU A 36 -13.43 -16.71 -6.89
N ALA A 37 -13.76 -16.52 -5.63
CA ALA A 37 -15.15 -16.39 -5.18
C ALA A 37 -15.83 -15.12 -5.75
N ARG A 38 -15.02 -14.22 -6.27
CA ARG A 38 -15.50 -12.95 -6.78
C ARG A 38 -16.33 -12.19 -5.77
N THR A 39 -15.76 -11.98 -4.59
CA THR A 39 -16.41 -11.19 -3.57
C THR A 39 -15.59 -9.93 -3.27
N VAL A 40 -14.38 -9.88 -3.81
CA VAL A 40 -13.48 -8.73 -3.64
C VAL A 40 -12.78 -8.34 -4.95
N PHE A 41 -12.81 -7.05 -5.28
CA PHE A 41 -12.17 -6.51 -6.49
C PHE A 41 -11.47 -5.18 -6.26
N ARG A 42 -10.54 -4.84 -7.14
CA ARG A 42 -9.82 -3.57 -7.05
C ARG A 42 -10.19 -2.65 -8.22
N VAL A 43 -10.14 -1.35 -7.98
CA VAL A 43 -10.50 -0.39 -8.99
C VAL A 43 -9.40 0.64 -9.01
N PRO A 44 -8.81 0.91 -10.19
CA PRO A 44 -7.77 1.94 -10.23
C PRO A 44 -8.32 3.22 -9.63
N TRP A 45 -7.46 4.03 -9.02
CA TRP A 45 -7.91 5.23 -8.35
C TRP A 45 -6.77 6.21 -8.25
N LYS A 46 -6.53 6.90 -9.35
CA LYS A 46 -5.44 7.84 -9.43
C LYS A 46 -5.85 9.19 -8.85
N HIS A 47 -4.87 9.89 -8.29
CA HIS A 47 -5.12 11.24 -7.83
C HIS A 47 -4.46 12.19 -8.76
N PHE A 48 -5.27 12.96 -9.45
CA PHE A 48 -4.80 13.91 -10.43
C PHE A 48 -4.64 15.29 -9.80
N GLY A 49 -5.74 15.81 -9.27
CA GLY A 49 -5.72 17.13 -8.68
C GLY A 49 -5.88 18.19 -9.73
N ARG A 50 -4.81 18.92 -10.02
CA ARG A 50 -4.82 19.90 -11.08
C ARG A 50 -4.65 19.21 -12.45
N ARG A 51 -3.72 18.26 -12.51
CA ARG A 51 -3.33 17.61 -13.76
C ARG A 51 -4.47 17.08 -14.65
N ASP A 52 -4.26 17.15 -15.97
CA ASP A 52 -5.23 16.62 -16.94
C ASP A 52 -5.20 15.11 -16.92
N LEU A 53 -6.29 14.52 -17.38
CA LEU A 53 -6.30 13.10 -17.60
C LEU A 53 -5.91 12.79 -19.05
N ASP A 54 -4.91 11.93 -19.23
N ASP A 54 -4.91 11.92 -19.21
CA ASP A 54 -4.62 11.45 -20.58
CA ASP A 54 -4.57 11.39 -20.52
C ASP A 54 -5.51 10.24 -20.85
C ASP A 54 -5.61 10.34 -20.88
N GLU A 55 -5.53 9.78 -22.08
CA GLU A 55 -6.47 8.74 -22.49
C GLU A 55 -6.40 7.50 -21.59
N GLU A 56 -5.18 7.07 -21.26
CA GLU A 56 -4.97 5.87 -20.44
C GLU A 56 -5.59 6.02 -19.06
N ASP A 57 -5.48 7.21 -18.51
CA ASP A 57 -6.05 7.51 -17.21
C ASP A 57 -7.59 7.40 -17.20
N ALA A 58 -8.21 7.57 -18.36
CA ALA A 58 -9.67 7.71 -18.45
C ALA A 58 -10.42 6.52 -19.10
N GLN A 59 -9.76 5.37 -19.25
CA GLN A 59 -10.38 4.28 -19.99
C GLN A 59 -11.70 3.78 -19.38
N ILE A 60 -11.73 3.58 -18.07
N ILE A 60 -11.71 3.62 -18.07
CA ILE A 60 -12.97 3.12 -17.46
CA ILE A 60 -12.90 3.15 -17.39
C ILE A 60 -14.00 4.25 -17.34
C ILE A 60 -13.97 4.24 -17.31
N PHE A 61 -13.55 5.47 -17.03
CA PHE A 61 -14.46 6.61 -16.97
C PHE A 61 -15.14 6.80 -18.31
N LYS A 62 -14.37 6.69 -19.38
CA LYS A 62 -14.93 6.82 -20.72
C LYS A 62 -15.96 5.72 -21.04
N ALA A 63 -15.66 4.49 -20.62
CA ALA A 63 -16.57 3.34 -20.78
C ALA A 63 -17.94 3.59 -20.14
N TRP A 64 -17.95 4.21 -18.97
CA TRP A 64 -19.19 4.54 -18.29
C TRP A 64 -19.98 5.59 -19.06
N ALA A 65 -19.28 6.62 -19.54
CA ALA A 65 -19.92 7.70 -20.34
C ALA A 65 -20.56 7.17 -21.63
N VAL A 66 -19.84 6.30 -22.32
CA VAL A 66 -20.36 5.61 -23.49
C VAL A 66 -21.58 4.76 -23.09
N ALA A 67 -21.54 4.19 -21.90
CA ALA A 67 -22.66 3.40 -21.45
C ALA A 67 -23.90 4.28 -21.25
N ARG A 68 -23.69 5.53 -20.86
CA ARG A 68 -24.78 6.46 -20.59
C ARG A 68 -25.14 7.30 -21.81
N GLY A 69 -24.52 6.99 -22.93
CA GLY A 69 -24.77 7.70 -24.17
C GLY A 69 -24.29 9.12 -24.10
N ARG A 70 -23.24 9.35 -23.32
CA ARG A 70 -22.63 10.69 -23.21
C ARG A 70 -21.42 10.82 -24.12
N TRP A 71 -21.13 9.79 -24.87
CA TRP A 71 -20.03 9.84 -25.80
C TRP A 71 -20.28 8.74 -26.80
N PRO A 72 -20.03 9.02 -28.09
CA PRO A 72 -20.23 7.98 -29.10
C PRO A 72 -19.28 6.84 -28.82
N PRO A 73 -19.68 5.61 -29.10
CA PRO A 73 -18.80 4.45 -28.92
C PRO A 73 -17.57 4.44 -29.85
N SER A 74 -17.64 5.11 -31.00
CA SER A 74 -16.52 5.20 -31.94
C SER A 74 -15.63 6.41 -31.68
N GLY A 75 -16.08 7.28 -30.78
CA GLY A 75 -15.43 8.55 -30.58
C GLY A 75 -15.96 9.53 -31.60
N VAL A 76 -15.26 10.65 -31.76
CA VAL A 76 -15.66 11.69 -32.69
C VAL A 76 -14.87 11.64 -33.98
N ASN A 77 -15.48 12.07 -35.08
CA ASN A 77 -14.81 12.07 -36.37
C ASN A 77 -14.00 13.34 -36.61
N LEU A 78 -13.05 13.62 -35.73
CA LEU A 78 -12.19 14.79 -35.89
C LEU A 78 -10.79 14.32 -36.21
N PRO A 79 -9.92 15.26 -36.66
CA PRO A 79 -8.50 14.93 -36.87
C PRO A 79 -7.86 14.47 -35.57
N PRO A 80 -6.74 13.76 -35.67
CA PRO A 80 -6.16 13.14 -34.47
C PRO A 80 -5.92 14.09 -33.28
N PRO A 81 -5.33 15.29 -33.52
CA PRO A 81 -5.04 16.25 -32.44
C PRO A 81 -6.32 16.81 -31.83
N GLU A 82 -7.25 17.21 -32.68
CA GLU A 82 -8.55 17.71 -32.23
C GLU A 82 -9.42 16.59 -31.63
N ALA A 83 -9.23 15.36 -32.10
CA ALA A 83 -9.93 14.22 -31.51
C ALA A 83 -9.49 14.04 -30.05
N GLU A 84 -8.18 14.06 -29.81
CA GLU A 84 -7.65 13.88 -28.46
C GLU A 84 -8.12 14.98 -27.51
N ALA A 85 -8.00 16.23 -27.93
CA ALA A 85 -8.34 17.38 -27.09
C ALA A 85 -9.83 17.44 -26.76
N ALA A 86 -10.67 16.99 -27.67
CA ALA A 86 -12.12 16.92 -27.44
C ALA A 86 -12.45 15.95 -26.33
N GLU A 87 -11.84 14.76 -26.35
CA GLU A 87 -11.97 13.81 -25.25
C GLU A 87 -11.30 14.32 -23.97
N ARG A 88 -10.10 14.86 -24.13
CA ARG A 88 -9.33 15.36 -23.00
C ARG A 88 -10.17 16.26 -22.13
N ARG A 89 -10.96 17.13 -22.75
CA ARG A 89 -11.72 18.13 -22.04
C ARG A 89 -12.97 17.57 -21.39
N GLU A 90 -13.24 16.30 -21.62
CA GLU A 90 -14.40 15.63 -21.03
C GLU A 90 -14.03 14.77 -19.83
N ARG A 91 -12.75 14.41 -19.73
CA ARG A 91 -12.29 13.34 -18.86
C ARG A 91 -12.41 13.63 -17.38
N ARG A 92 -12.31 14.90 -16.98
CA ARG A 92 -12.42 15.18 -15.55
C ARG A 92 -13.87 15.02 -15.06
N GLY A 93 -14.83 15.43 -15.89
CA GLY A 93 -16.23 15.19 -15.59
C GLY A 93 -16.57 13.72 -15.62
N TRP A 94 -15.98 12.97 -16.55
CA TRP A 94 -16.21 11.52 -16.61
C TRP A 94 -15.69 10.83 -15.35
N LYS A 95 -14.52 11.25 -14.87
CA LYS A 95 -13.93 10.69 -13.67
C LYS A 95 -14.81 10.99 -12.48
N THR A 96 -15.29 12.22 -12.42
CA THR A 96 -16.18 12.66 -11.35
C THR A 96 -17.51 11.90 -11.35
N ASN A 97 -18.06 11.71 -12.54
CA ASN A 97 -19.33 11.02 -12.67
C ASN A 97 -19.25 9.55 -12.26
N PHE A 98 -18.19 8.87 -12.69
CA PHE A 98 -17.89 7.48 -12.33
C PHE A 98 -17.72 7.27 -10.82
N ARG A 99 -16.85 8.08 -10.21
CA ARG A 99 -16.53 7.93 -8.80
C ARG A 99 -17.76 8.15 -7.90
N CYS A 100 -18.56 9.17 -8.22
N CYS A 100 -18.56 9.15 -8.26
CA CYS A 100 -19.80 9.42 -7.53
CA CYS A 100 -19.80 9.47 -7.57
C CYS A 100 -20.78 8.26 -7.68
C CYS A 100 -20.81 8.32 -7.70
N ALA A 101 -20.79 7.65 -8.86
CA ALA A 101 -21.70 6.54 -9.11
C ALA A 101 -21.26 5.37 -8.26
N LEU A 102 -19.96 5.20 -8.16
CA LEU A 102 -19.40 4.12 -7.37
C LEU A 102 -19.68 4.32 -5.89
N HIS A 103 -19.57 5.57 -5.39
CA HIS A 103 -19.91 5.90 -4.00
C HIS A 103 -21.36 5.62 -3.68
N SER A 104 -22.23 5.90 -4.64
CA SER A 104 -23.66 5.73 -4.46
CA SER A 104 -23.66 5.74 -4.50
C SER A 104 -24.10 4.28 -4.68
N THR A 105 -23.12 3.40 -4.88
CA THR A 105 -23.37 1.97 -5.01
C THR A 105 -23.07 1.30 -3.66
N GLY A 106 -24.08 1.31 -2.79
CA GLY A 106 -23.91 0.93 -1.40
C GLY A 106 -23.53 -0.51 -1.25
N ARG A 107 -23.76 -1.28 -2.30
CA ARG A 107 -23.32 -2.65 -2.31
C ARG A 107 -21.81 -2.79 -2.17
N PHE A 108 -21.05 -1.82 -2.66
CA PHE A 108 -19.58 -1.92 -2.63
C PHE A 108 -19.02 -1.37 -1.32
N ILE A 109 -18.44 -2.25 -0.50
CA ILE A 109 -17.84 -1.83 0.77
C ILE A 109 -16.34 -1.63 0.65
N LEU A 110 -15.87 -0.40 0.83
CA LEU A 110 -14.44 -0.16 0.71
C LEU A 110 -13.71 -0.95 1.79
N ARG A 111 -12.66 -1.65 1.41
CA ARG A 111 -11.87 -2.48 2.33
C ARG A 111 -10.44 -1.95 2.53
N GLN A 112 -9.83 -1.47 1.47
CA GLN A 112 -8.49 -0.93 1.54
C GLN A 112 -8.32 0.18 0.52
N ASP A 113 -7.60 1.23 0.92
CA ASP A 113 -7.36 2.38 0.06
C ASP A 113 -5.89 2.53 -0.30
N ASN A 114 -5.54 2.11 -1.50
CA ASN A 114 -4.17 2.17 -1.97
C ASN A 114 -4.00 3.18 -3.07
N SER A 115 -4.79 4.24 -3.01
CA SER A 115 -4.68 5.25 -4.03
C SER A 115 -3.42 6.10 -3.83
N GLY A 116 -2.78 5.96 -2.67
CA GLY A 116 -1.55 6.68 -2.37
C GLY A 116 -0.37 6.26 -3.23
N ASP A 117 -0.33 4.98 -3.60
CA ASP A 117 0.77 4.40 -4.38
C ASP A 117 0.72 4.80 -5.86
N PRO A 118 1.68 5.62 -6.32
CA PRO A 118 1.74 6.21 -7.66
C PRO A 118 2.14 5.23 -8.76
N VAL A 119 2.72 4.11 -8.40
CA VAL A 119 3.05 3.09 -9.41
C VAL A 119 1.83 2.19 -9.64
N ASP A 120 0.91 2.20 -8.69
CA ASP A 120 -0.31 1.38 -8.82
C ASP A 120 -1.42 1.78 -7.83
N PRO A 121 -1.96 3.00 -7.94
CA PRO A 121 -3.03 3.45 -7.06
C PRO A 121 -4.38 2.82 -7.41
N HIS A 122 -5.01 2.22 -6.42
CA HIS A 122 -6.30 1.59 -6.64
C HIS A 122 -7.02 1.58 -5.32
N LYS A 123 -8.29 1.23 -5.36
CA LYS A 123 -9.06 0.98 -4.15
C LYS A 123 -9.67 -0.41 -4.22
N VAL A 124 -9.73 -1.08 -3.08
CA VAL A 124 -10.23 -2.45 -2.99
C VAL A 124 -11.62 -2.54 -2.35
N TYR A 125 -12.57 -3.13 -3.06
CA TYR A 125 -13.94 -3.24 -2.56
C TYR A 125 -14.40 -4.67 -2.31
N GLU A 126 -15.27 -4.86 -1.33
CA GLU A 126 -15.92 -6.15 -1.11
C GLU A 126 -17.41 -6.03 -1.30
N LEU A 127 -18.01 -7.09 -1.83
CA LEU A 127 -19.45 -7.16 -2.00
C LEU A 127 -20.12 -7.25 -0.63
N SER A 128 -21.12 -6.42 -0.38
CA SER A 128 -21.73 -6.33 0.95
C SER A 128 -22.30 -7.67 1.37
N ARG A 129 -21.91 -8.11 2.57
CA ARG A 129 -22.35 -9.37 3.13
C ARG A 129 -23.79 -9.36 3.66
N GLU A 130 -24.51 -8.26 3.43
CA GLU A 130 -25.92 -8.20 3.83
C GLU A 130 -26.89 -7.77 2.70
N LEU A 131 -26.57 -8.14 1.46
CA LEU A 131 -27.51 -8.04 0.36
C LEU A 131 -28.67 -9.02 0.58
N GLY A 132 -29.88 -8.51 0.76
CA GLY A 132 -31.04 -9.36 0.93
C GLY A 132 -31.91 -9.34 -0.31
N SER A 133 -32.72 -8.28 -0.44
CA SER A 133 -33.48 -7.98 -1.66
C SER A 133 -34.44 -6.81 -1.39
N ARG B 12 10.91 -35.37 13.09
CA ARG B 12 10.54 -36.76 12.79
C ARG B 12 9.69 -36.84 11.54
N VAL B 13 9.00 -35.74 11.23
CA VAL B 13 8.08 -35.66 10.09
C VAL B 13 8.49 -34.55 9.14
N LEU B 14 8.20 -34.75 7.87
CA LEU B 14 8.44 -33.74 6.87
C LEU B 14 7.42 -32.65 7.07
N PHE B 15 7.74 -31.43 6.65
CA PHE B 15 6.83 -30.29 6.79
C PHE B 15 5.42 -30.63 6.29
N GLY B 16 5.36 -31.34 5.18
CA GLY B 16 4.10 -31.64 4.52
C GLY B 16 3.13 -32.38 5.41
N ASP B 17 3.64 -33.40 6.10
CA ASP B 17 2.85 -34.21 7.01
C ASP B 17 2.51 -33.43 8.26
N TRP B 18 3.46 -32.60 8.70
CA TRP B 18 3.23 -31.73 9.83
C TRP B 18 2.09 -30.77 9.55
N LEU B 19 2.12 -30.12 8.39
CA LEU B 19 1.11 -29.13 8.04
C LEU B 19 -0.27 -29.74 7.90
N LEU B 20 -0.38 -30.88 7.22
CA LEU B 20 -1.69 -31.53 7.12
C LEU B 20 -2.28 -31.82 8.49
N GLY B 21 -1.42 -32.25 9.40
CA GLY B 21 -1.83 -32.49 10.77
C GLY B 21 -2.49 -31.26 11.34
N GLU B 22 -1.91 -30.09 11.04
CA GLU B 22 -2.39 -28.83 11.61
C GLU B 22 -3.63 -28.38 10.88
N VAL B 23 -3.69 -28.66 9.58
CA VAL B 23 -4.91 -28.37 8.84
C VAL B 23 -6.05 -29.13 9.50
N SER B 24 -5.82 -30.43 9.71
CA SER B 24 -6.81 -31.34 10.27
C SER B 24 -7.18 -31.00 11.69
N SER B 25 -6.27 -30.35 12.41
CA SER B 25 -6.55 -29.92 13.77
C SER B 25 -7.64 -28.86 13.78
N GLY B 26 -7.78 -28.13 12.68
CA GLY B 26 -8.73 -27.05 12.54
C GLY B 26 -8.55 -25.88 13.50
N GLN B 27 -7.48 -25.87 14.30
CA GLN B 27 -7.31 -24.84 15.31
C GLN B 27 -6.54 -23.58 14.86
N TYR B 28 -6.37 -23.42 13.55
CA TYR B 28 -5.72 -22.24 12.98
C TYR B 28 -6.66 -21.56 12.00
N GLU B 29 -6.88 -20.26 12.21
CA GLU B 29 -7.78 -19.51 11.35
C GLU B 29 -7.31 -19.49 9.88
N GLY B 30 -8.12 -20.03 8.99
CA GLY B 30 -7.85 -19.97 7.55
C GLY B 30 -7.04 -21.13 6.99
N LEU B 31 -6.59 -22.03 7.86
CA LEU B 31 -5.84 -23.21 7.44
C LEU B 31 -6.81 -24.38 7.56
N GLN B 32 -7.50 -24.69 6.47
CA GLN B 32 -8.62 -25.61 6.55
C GLN B 32 -8.70 -26.56 5.36
N TRP B 33 -9.28 -27.73 5.60
CA TRP B 33 -9.62 -28.64 4.52
C TRP B 33 -10.76 -28.02 3.78
N LEU B 34 -10.79 -28.18 2.46
CA LEU B 34 -11.88 -27.63 1.68
C LEU B 34 -12.79 -28.72 1.09
N ASN B 35 -12.37 -29.97 1.22
CA ASN B 35 -13.23 -31.08 0.81
C ASN B 35 -13.21 -32.25 1.80
N GLU B 36 -14.07 -33.24 1.55
CA GLU B 36 -14.25 -34.40 2.43
C GLU B 36 -13.16 -35.44 2.21
N ALA B 37 -12.76 -35.60 0.96
CA ALA B 37 -11.60 -36.42 0.64
C ALA B 37 -10.41 -35.97 1.47
N ARG B 38 -10.40 -34.71 1.85
CA ARG B 38 -9.24 -34.09 2.48
C ARG B 38 -8.02 -34.08 1.57
N THR B 39 -8.21 -33.72 0.31
CA THR B 39 -7.08 -33.56 -0.61
C THR B 39 -6.97 -32.12 -1.13
N VAL B 40 -7.88 -31.25 -0.70
CA VAL B 40 -7.83 -29.84 -1.05
C VAL B 40 -7.91 -29.03 0.23
N PHE B 41 -6.97 -28.10 0.40
CA PHE B 41 -6.96 -27.24 1.58
C PHE B 41 -6.51 -25.83 1.19
N ARG B 42 -6.79 -24.87 2.07
CA ARG B 42 -6.29 -23.50 1.92
C ARG B 42 -5.28 -23.17 3.02
N VAL B 43 -4.43 -22.19 2.73
CA VAL B 43 -3.34 -21.76 3.60
C VAL B 43 -3.33 -20.23 3.59
N PRO B 44 -3.42 -19.58 4.78
CA PRO B 44 -3.35 -18.11 4.83
C PRO B 44 -2.09 -17.54 4.17
N TRP B 45 -2.25 -16.50 3.35
CA TRP B 45 -1.13 -16.04 2.55
C TRP B 45 -1.17 -14.53 2.30
N LYS B 46 -1.07 -13.77 3.39
CA LYS B 46 -1.02 -12.33 3.31
C LYS B 46 0.36 -11.88 2.83
N HIS B 47 0.39 -10.94 1.88
CA HIS B 47 1.64 -10.35 1.43
C HIS B 47 1.84 -9.09 2.26
N PHE B 48 2.87 -9.08 3.09
CA PHE B 48 3.03 -8.02 4.09
C PHE B 48 3.79 -6.73 3.69
N GLY B 49 4.45 -6.74 2.52
CA GLY B 49 5.30 -5.63 2.13
C GLY B 49 6.49 -5.49 3.06
N ARG B 50 6.79 -4.26 3.48
CA ARG B 50 7.84 -4.02 4.48
C ARG B 50 7.28 -3.89 5.90
N ARG B 51 5.99 -4.17 6.05
CA ARG B 51 5.32 -4.02 7.33
C ARG B 51 5.61 -5.16 8.30
N ASP B 52 5.81 -4.80 9.57
CA ASP B 52 6.00 -5.75 10.65
C ASP B 52 4.81 -6.67 10.74
N LEU B 53 5.06 -7.95 11.03
CA LEU B 53 3.97 -8.89 11.24
C LEU B 53 3.46 -8.79 12.68
N ASP B 54 2.13 -8.73 12.82
CA ASP B 54 1.47 -8.77 14.13
C ASP B 54 1.42 -10.22 14.55
N GLU B 55 1.06 -10.47 15.81
CA GLU B 55 0.98 -11.82 16.34
C GLU B 55 0.02 -12.67 15.54
N GLU B 56 -1.13 -12.10 15.17
CA GLU B 56 -2.13 -12.84 14.41
C GLU B 56 -1.67 -13.21 12.99
N ASP B 57 -0.69 -12.48 12.49
CA ASP B 57 -0.12 -12.73 11.17
C ASP B 57 0.79 -13.98 11.13
N ALA B 58 1.29 -14.41 12.28
CA ALA B 58 2.34 -15.41 12.33
C ALA B 58 2.03 -16.68 13.17
N GLN B 59 0.76 -17.01 13.35
CA GLN B 59 0.41 -18.13 14.22
C GLN B 59 0.95 -19.44 13.69
N ILE B 60 0.77 -19.70 12.40
CA ILE B 60 1.23 -20.96 11.86
C ILE B 60 2.73 -20.90 11.61
N PHE B 61 3.24 -19.70 11.37
CA PHE B 61 4.67 -19.49 11.18
C PHE B 61 5.35 -19.83 12.50
N LYS B 62 4.82 -19.30 13.58
CA LYS B 62 5.35 -19.60 14.89
C LYS B 62 5.25 -21.08 15.20
N ALA B 63 4.12 -21.67 14.87
CA ALA B 63 3.87 -23.06 15.20
C ALA B 63 4.95 -23.92 14.57
N TRP B 64 5.35 -23.55 13.36
CA TRP B 64 6.39 -24.27 12.64
C TRP B 64 7.73 -24.12 13.36
N ALA B 65 8.03 -22.88 13.76
CA ALA B 65 9.24 -22.55 14.50
C ALA B 65 9.29 -23.32 15.82
N VAL B 66 8.19 -23.28 16.57
CA VAL B 66 8.08 -24.05 17.80
C VAL B 66 8.31 -25.52 17.49
N ALA B 67 7.76 -25.95 16.37
CA ALA B 67 7.82 -27.36 15.98
C ALA B 67 9.26 -27.78 15.82
N ARG B 68 10.07 -26.87 15.31
CA ARG B 68 11.46 -27.19 15.02
C ARG B 68 12.39 -26.92 16.18
N GLY B 69 11.82 -26.62 17.34
CA GLY B 69 12.61 -26.32 18.51
C GLY B 69 13.31 -24.99 18.38
N ARG B 70 12.85 -24.16 17.46
CA ARG B 70 13.45 -22.84 17.23
C ARG B 70 12.79 -21.77 18.07
N TRP B 71 11.63 -22.07 18.61
CA TRP B 71 10.99 -21.15 19.54
C TRP B 71 10.34 -22.01 20.61
N PRO B 72 10.39 -21.56 21.87
CA PRO B 72 9.77 -22.24 23.00
C PRO B 72 8.26 -22.29 22.88
N PRO B 73 7.66 -23.47 23.09
CA PRO B 73 6.21 -23.61 23.04
C PRO B 73 5.49 -22.62 23.95
N SER B 74 6.14 -22.21 25.03
CA SER B 74 5.51 -21.33 26.02
C SER B 74 5.92 -19.86 25.90
N GLY B 75 6.69 -19.53 24.88
CA GLY B 75 7.06 -18.15 24.65
C GLY B 75 8.22 -17.72 25.53
N VAL B 76 8.64 -16.48 25.36
CA VAL B 76 9.87 -16.00 25.96
C VAL B 76 9.62 -15.45 27.36
N ASN B 77 10.54 -15.78 28.28
CA ASN B 77 10.48 -15.24 29.63
C ASN B 77 10.88 -13.78 29.61
N LEU B 78 9.90 -12.91 29.41
CA LEU B 78 10.09 -11.46 29.40
C LEU B 78 8.83 -10.75 29.86
N PRO B 79 8.92 -9.42 30.09
CA PRO B 79 7.73 -8.60 30.31
C PRO B 79 6.86 -8.60 29.04
N PRO B 80 5.56 -8.28 29.17
CA PRO B 80 4.64 -8.39 28.02
C PRO B 80 5.08 -7.58 26.80
N PRO B 81 5.36 -6.27 26.97
CA PRO B 81 5.77 -5.45 25.83
C PRO B 81 7.04 -6.00 25.21
N GLU B 82 7.90 -6.56 26.05
CA GLU B 82 9.24 -7.03 25.68
C GLU B 82 9.18 -8.38 24.99
N ALA B 83 8.27 -9.24 25.43
CA ALA B 83 8.04 -10.52 24.79
C ALA B 83 7.41 -10.33 23.40
N GLU B 84 6.45 -9.41 23.30
CA GLU B 84 5.86 -9.09 22.00
C GLU B 84 6.95 -8.65 21.01
N ALA B 85 7.84 -7.74 21.45
CA ALA B 85 8.88 -7.18 20.59
C ALA B 85 9.87 -8.24 20.11
N ALA B 86 10.12 -9.21 20.98
CA ALA B 86 11.03 -10.32 20.70
C ALA B 86 10.50 -11.20 19.58
N GLU B 87 9.23 -11.57 19.67
CA GLU B 87 8.56 -12.37 18.65
C GLU B 87 8.44 -11.61 17.32
N ARG B 88 8.14 -10.32 17.40
CA ARG B 88 7.96 -9.48 16.23
C ARG B 88 9.22 -9.54 15.38
N ARG B 89 10.36 -9.56 16.06
CA ARG B 89 11.67 -9.51 15.43
C ARG B 89 11.99 -10.81 14.75
N GLU B 90 11.24 -11.84 15.14
CA GLU B 90 11.41 -13.19 14.64
C GLU B 90 10.44 -13.55 13.52
N ARG B 91 9.34 -12.82 13.40
CA ARG B 91 8.21 -13.19 12.54
C ARG B 91 8.50 -13.24 11.03
N ARG B 92 9.31 -12.33 10.52
CA ARG B 92 9.65 -12.36 9.12
C ARG B 92 10.40 -13.64 8.79
N GLY B 93 11.40 -13.96 9.58
CA GLY B 93 12.16 -15.20 9.41
C GLY B 93 11.27 -16.44 9.43
N TRP B 94 10.38 -16.50 10.41
CA TRP B 94 9.39 -17.57 10.53
C TRP B 94 8.53 -17.73 9.28
N LYS B 95 8.07 -16.59 8.76
CA LYS B 95 7.30 -16.56 7.51
C LYS B 95 8.09 -17.16 6.36
N THR B 96 9.32 -16.67 6.19
CA THR B 96 10.21 -17.12 5.13
C THR B 96 10.48 -18.60 5.25
N ASN B 97 10.84 -19.02 6.45
CA ASN B 97 11.09 -20.43 6.68
C ASN B 97 9.88 -21.26 6.29
N PHE B 98 8.71 -20.82 6.75
CA PHE B 98 7.46 -21.53 6.51
C PHE B 98 7.13 -21.63 5.02
N ARG B 99 7.08 -20.49 4.34
CA ARG B 99 6.66 -20.48 2.93
C ARG B 99 7.61 -21.26 2.03
N CYS B 100 8.91 -21.24 2.34
CA CYS B 100 9.86 -21.98 1.55
CA CYS B 100 9.90 -21.99 1.57
C CYS B 100 9.70 -23.48 1.76
N ALA B 101 9.51 -23.90 3.01
CA ALA B 101 9.24 -25.30 3.31
C ALA B 101 8.00 -25.79 2.56
N LEU B 102 7.04 -24.89 2.36
CA LEU B 102 5.82 -25.22 1.64
C LEU B 102 6.11 -25.27 0.14
N HIS B 103 6.95 -24.34 -0.34
CA HIS B 103 7.35 -24.29 -1.75
C HIS B 103 8.14 -25.52 -2.13
N SER B 104 8.89 -26.05 -1.18
CA SER B 104 9.72 -27.22 -1.44
C SER B 104 9.00 -28.54 -1.17
N THR B 105 7.73 -28.46 -0.84
CA THR B 105 6.87 -29.63 -0.69
C THR B 105 6.07 -29.84 -1.98
N GLY B 106 6.62 -30.66 -2.87
CA GLY B 106 6.06 -30.87 -4.20
C GLY B 106 4.74 -31.60 -4.25
N ARG B 107 4.41 -32.32 -3.17
CA ARG B 107 3.10 -32.95 -2.99
C ARG B 107 1.97 -31.90 -2.94
N PHE B 108 2.29 -30.67 -2.58
CA PHE B 108 1.29 -29.58 -2.57
C PHE B 108 1.29 -28.81 -3.89
N ILE B 109 0.23 -29.00 -4.69
CA ILE B 109 0.06 -28.33 -5.97
C ILE B 109 -0.94 -27.17 -5.89
N LEU B 110 -0.43 -25.98 -6.15
CA LEU B 110 -1.22 -24.76 -6.06
C LEU B 110 -2.35 -24.78 -7.07
N ARG B 111 -3.59 -24.61 -6.58
CA ARG B 111 -4.77 -24.57 -7.43
C ARG B 111 -5.37 -23.19 -7.66
N GLN B 112 -5.47 -22.40 -6.58
CA GLN B 112 -5.96 -21.02 -6.63
C GLN B 112 -5.03 -20.07 -5.85
N ASP B 113 -4.81 -18.89 -6.41
CA ASP B 113 -4.00 -17.88 -5.73
C ASP B 113 -4.90 -16.71 -5.33
N ASN B 114 -5.43 -16.76 -4.13
CA ASN B 114 -6.34 -15.72 -3.66
C ASN B 114 -5.62 -14.80 -2.69
N SER B 115 -4.30 -14.76 -2.78
CA SER B 115 -3.47 -13.95 -1.89
C SER B 115 -3.54 -12.46 -2.23
N GLY B 116 -4.26 -12.12 -3.28
CA GLY B 116 -4.40 -10.72 -3.66
C GLY B 116 -5.47 -9.99 -2.87
N ASP B 117 -6.31 -10.76 -2.18
CA ASP B 117 -7.47 -10.25 -1.47
C ASP B 117 -7.08 -9.88 -0.06
N PRO B 118 -7.05 -8.58 0.23
CA PRO B 118 -6.66 -8.08 1.56
C PRO B 118 -7.61 -8.52 2.65
N VAL B 119 -8.84 -8.88 2.26
CA VAL B 119 -9.87 -9.28 3.20
C VAL B 119 -9.59 -10.67 3.76
N ASP B 120 -9.30 -11.61 2.87
CA ASP B 120 -9.03 -12.98 3.27
C ASP B 120 -7.99 -13.60 2.35
N PRO B 121 -6.74 -13.11 2.42
CA PRO B 121 -5.69 -13.56 1.51
C PRO B 121 -5.25 -14.98 1.81
N HIS B 122 -5.36 -15.87 0.83
CA HIS B 122 -4.96 -17.25 1.03
C HIS B 122 -4.65 -17.90 -0.31
N LYS B 123 -4.00 -19.06 -0.27
CA LYS B 123 -3.87 -19.90 -1.44
C LYS B 123 -4.53 -21.27 -1.18
N VAL B 124 -5.07 -21.86 -2.24
CA VAL B 124 -5.63 -23.21 -2.17
C VAL B 124 -4.67 -24.21 -2.82
N TYR B 125 -4.38 -25.28 -2.08
CA TYR B 125 -3.51 -26.34 -2.57
C TYR B 125 -4.25 -27.66 -2.70
N GLU B 126 -3.76 -28.53 -3.57
CA GLU B 126 -4.35 -29.85 -3.73
C GLU B 126 -3.31 -30.92 -3.54
N LEU B 127 -3.66 -31.98 -2.81
CA LEU B 127 -2.73 -33.08 -2.61
C LEU B 127 -2.53 -33.85 -3.90
N SER B 128 -1.30 -34.25 -4.20
CA SER B 128 -0.95 -34.97 -5.44
C SER B 128 -1.73 -36.28 -5.68
N GLN C 11 22.46 7.37 16.69
CA GLN C 11 23.38 8.34 16.09
C GLN C 11 24.27 7.65 15.06
N ARG C 12 24.52 6.36 15.25
CA ARG C 12 25.20 5.54 14.25
C ARG C 12 24.21 4.88 13.31
N VAL C 13 23.48 5.69 12.54
CA VAL C 13 22.62 5.12 11.50
C VAL C 13 22.71 5.92 10.21
N LEU C 14 22.39 5.24 9.11
CA LEU C 14 22.36 5.85 7.80
C LEU C 14 21.10 6.72 7.68
N PHE C 15 21.20 7.77 6.89
CA PHE C 15 20.08 8.67 6.66
C PHE C 15 18.80 7.89 6.32
N GLY C 16 18.95 6.91 5.43
CA GLY C 16 17.82 6.10 4.99
C GLY C 16 17.00 5.57 6.15
N ASP C 17 17.67 4.90 7.07
CA ASP C 17 17.02 4.31 8.22
C ASP C 17 16.52 5.37 9.20
N TRP C 18 17.31 6.43 9.36
CA TRP C 18 16.85 7.58 10.11
C TRP C 18 15.55 8.11 9.57
N LEU C 19 15.53 8.39 8.27
CA LEU C 19 14.32 8.95 7.69
C LEU C 19 13.11 8.01 7.87
N LEU C 20 13.30 6.73 7.58
CA LEU C 20 12.22 5.76 7.71
C LEU C 20 11.64 5.78 9.12
N GLY C 21 12.48 6.08 10.10
CA GLY C 21 12.05 6.13 11.48
C GLY C 21 11.15 7.32 11.73
N GLU C 22 11.56 8.46 11.16
CA GLU C 22 10.80 9.72 11.23
C GLU C 22 9.50 9.65 10.43
N VAL C 23 9.53 8.90 9.33
CA VAL C 23 8.32 8.63 8.57
C VAL C 23 7.31 7.81 9.38
N SER C 24 7.79 6.76 10.03
CA SER C 24 6.94 5.91 10.86
C SER C 24 6.52 6.61 12.15
N SER C 25 7.32 7.56 12.60
CA SER C 25 6.99 8.34 13.79
C SER C 25 5.65 9.03 13.64
N GLY C 26 5.40 9.56 12.44
CA GLY C 26 4.19 10.31 12.17
C GLY C 26 4.21 11.65 12.87
N GLN C 27 5.40 12.10 13.28
CA GLN C 27 5.56 13.37 14.02
C GLN C 27 5.87 14.58 13.15
N TYR C 28 5.87 14.40 11.84
CA TYR C 28 6.14 15.49 10.92
C TYR C 28 5.04 15.51 9.87
N GLU C 29 4.48 16.68 9.61
CA GLU C 29 3.35 16.77 8.71
C GLU C 29 3.80 16.53 7.28
N GLY C 30 3.06 15.70 6.56
CA GLY C 30 3.28 15.46 5.16
C GLY C 30 4.41 14.47 4.92
N LEU C 31 5.07 14.03 5.98
CA LEU C 31 6.07 12.98 5.91
C LEU C 31 5.44 11.72 6.43
N GLN C 32 4.82 10.95 5.55
CA GLN C 32 4.00 9.82 5.96
CA GLN C 32 4.00 9.82 5.96
C GLN C 32 4.05 8.65 4.97
N TRP C 33 3.78 7.46 5.47
CA TRP C 33 3.57 6.28 4.63
C TRP C 33 2.28 6.43 3.85
N LEU C 34 2.26 5.90 2.63
CA LEU C 34 1.08 6.05 1.79
C LEU C 34 0.34 4.74 1.63
N ASN C 35 0.94 3.67 2.10
CA ASN C 35 0.23 2.40 2.10
C ASN C 35 0.47 1.56 3.35
N GLU C 36 -0.37 0.56 3.53
CA GLU C 36 -0.26 -0.32 4.68
C GLU C 36 0.96 -1.20 4.52
N ALA C 37 1.40 -1.36 3.27
CA ALA C 37 2.58 -2.16 2.93
C ALA C 37 3.91 -1.46 3.23
N ARG C 38 3.89 -0.14 3.37
CA ARG C 38 5.08 0.58 3.80
C ARG C 38 6.22 0.45 2.80
N THR C 39 5.87 0.55 1.54
CA THR C 39 6.89 0.63 0.52
C THR C 39 6.85 1.99 -0.15
N VAL C 40 5.79 2.76 0.12
CA VAL C 40 5.63 4.09 -0.48
C VAL C 40 5.36 5.19 0.56
N PHE C 41 6.14 6.25 0.47
CA PHE C 41 6.03 7.39 1.39
C PHE C 41 6.22 8.72 0.68
N ARG C 42 5.72 9.79 1.30
CA ARG C 42 5.83 11.15 0.78
C ARG C 42 6.67 12.06 1.70
N VAL C 43 7.25 13.07 1.08
CA VAL C 43 8.14 14.02 1.73
C VAL C 43 7.73 15.42 1.25
N PRO C 44 7.41 16.34 2.19
CA PRO C 44 7.04 17.70 1.79
C PRO C 44 8.16 18.31 0.96
N TRP C 45 7.81 19.08 -0.06
CA TRP C 45 8.82 19.59 -0.96
C TRP C 45 8.49 20.97 -1.50
N LYS C 46 8.42 21.92 -0.59
CA LYS C 46 8.20 23.31 -0.95
C LYS C 46 9.40 23.81 -1.74
N HIS C 47 9.12 24.52 -2.83
CA HIS C 47 10.18 25.23 -3.49
C HIS C 47 10.23 26.63 -2.91
N PHE C 48 11.40 27.01 -2.41
CA PHE C 48 11.53 28.24 -1.66
C PHE C 48 12.02 29.40 -2.51
N GLY C 49 12.98 29.13 -3.38
CA GLY C 49 13.60 30.19 -4.12
C GLY C 49 14.44 31.01 -3.16
N ARG C 50 14.18 32.31 -3.09
CA ARG C 50 15.00 33.16 -2.23
C ARG C 50 14.35 33.44 -0.89
N ARG C 51 13.13 32.95 -0.72
CA ARG C 51 12.38 33.19 0.51
C ARG C 51 13.08 32.57 1.70
N ASP C 52 12.97 33.24 2.85
CA ASP C 52 13.49 32.72 4.11
C ASP C 52 12.61 31.57 4.54
N LEU C 53 13.18 30.60 5.25
CA LEU C 53 12.42 29.46 5.77
C LEU C 53 11.97 29.73 7.19
N ASP C 54 10.69 29.50 7.45
CA ASP C 54 10.14 29.59 8.80
C ASP C 54 10.36 28.28 9.53
N GLU C 55 10.03 28.25 10.82
CA GLU C 55 10.31 27.07 11.62
C GLU C 55 9.56 25.84 11.14
N GLU C 56 8.31 26.03 10.75
CA GLU C 56 7.50 24.91 10.27
C GLU C 56 8.07 24.32 8.97
N ASP C 57 8.62 25.17 8.12
CA ASP C 57 9.16 24.72 6.84
C ASP C 57 10.39 23.83 7.02
N ALA C 58 10.97 23.86 8.21
CA ALA C 58 12.31 23.31 8.39
C ALA C 58 12.38 22.21 9.45
N GLN C 59 11.23 21.70 9.87
CA GLN C 59 11.22 20.78 10.98
C GLN C 59 12.03 19.51 10.72
N ILE C 60 11.81 18.87 9.58
CA ILE C 60 12.55 17.65 9.27
C ILE C 60 14.00 17.98 8.89
N PHE C 61 14.21 19.09 8.19
CA PHE C 61 15.55 19.58 7.90
C PHE C 61 16.36 19.74 9.18
N LYS C 62 15.73 20.31 10.19
CA LYS C 62 16.36 20.57 11.47
C LYS C 62 16.62 19.27 12.24
N ALA C 63 15.65 18.36 12.20
CA ALA C 63 15.80 17.04 12.85
C ALA C 63 17.05 16.28 12.40
N TRP C 64 17.37 16.39 11.11
CA TRP C 64 18.55 15.78 10.54
C TRP C 64 19.82 16.50 11.00
N ALA C 65 19.78 17.83 11.01
CA ALA C 65 20.92 18.58 11.52
C ALA C 65 21.21 18.14 12.95
N VAL C 66 20.19 18.14 13.79
CA VAL C 66 20.35 17.73 15.18
C VAL C 66 20.79 16.28 15.27
N ALA C 67 20.29 15.44 14.37
CA ALA C 67 20.67 14.03 14.40
C ALA C 67 22.14 13.88 14.05
N ARG C 68 22.65 14.79 13.23
CA ARG C 68 24.04 14.74 12.82
C ARG C 68 24.90 15.47 13.83
N GLY C 69 24.26 16.05 14.83
CA GLY C 69 24.96 16.83 15.83
C GLY C 69 25.51 18.13 15.30
N ARG C 70 24.83 18.72 14.33
CA ARG C 70 25.27 20.01 13.80
C ARG C 70 24.40 21.14 14.32
N TRP C 71 23.46 20.80 15.20
CA TRP C 71 22.66 21.78 15.90
C TRP C 71 22.29 21.23 17.28
N PRO C 72 22.43 22.05 18.34
CA PRO C 72 22.05 21.54 19.65
C PRO C 72 20.55 21.30 19.72
N PRO C 73 20.13 20.14 20.27
CA PRO C 73 18.71 19.86 20.55
C PRO C 73 18.03 20.87 21.49
N SER C 74 18.76 21.46 22.44
CA SER C 74 18.22 22.53 23.26
C SER C 74 18.15 23.84 22.46
N GLY C 75 18.74 23.82 21.28
CA GLY C 75 18.94 25.04 20.51
C GLY C 75 19.97 25.93 21.18
N VAL C 76 20.56 26.84 20.42
CA VAL C 76 21.54 27.75 20.99
C VAL C 76 20.88 28.66 22.03
N ASN C 77 21.66 29.12 23.01
CA ASN C 77 21.14 29.87 24.15
C ASN C 77 21.17 31.39 23.99
N LEU C 78 20.20 31.93 23.27
CA LEU C 78 20.12 33.37 23.01
C LEU C 78 18.71 33.82 23.34
N PRO C 79 18.51 35.14 23.47
CA PRO C 79 17.14 35.62 23.71
C PRO C 79 16.26 35.24 22.52
N PRO C 80 14.97 35.02 22.78
CA PRO C 80 14.08 34.47 21.74
C PRO C 80 14.19 35.13 20.36
N PRO C 81 14.26 36.48 20.28
CA PRO C 81 14.32 36.99 18.91
C PRO C 81 15.60 36.51 18.25
N GLU C 82 16.67 36.41 19.03
CA GLU C 82 17.99 36.09 18.49
C GLU C 82 18.17 34.60 18.30
N ALA C 83 17.41 33.82 19.06
CA ALA C 83 17.36 32.38 18.84
C ALA C 83 16.68 32.06 17.52
N GLU C 84 15.59 32.75 17.22
CA GLU C 84 14.86 32.54 15.97
C GLU C 84 15.71 32.92 14.77
N ALA C 85 16.39 34.05 14.87
CA ALA C 85 17.22 34.55 13.80
C ALA C 85 18.34 33.55 13.50
N ALA C 86 18.95 33.06 14.57
CA ALA C 86 20.07 32.13 14.48
C ALA C 86 19.70 30.83 13.75
N GLU C 87 18.58 30.24 14.10
CA GLU C 87 18.12 29.05 13.39
C GLU C 87 17.69 29.39 11.98
N ARG C 88 16.99 30.51 11.82
CA ARG C 88 16.56 30.98 10.51
C ARG C 88 17.74 31.11 9.56
N ARG C 89 18.86 31.61 10.08
CA ARG C 89 20.09 31.70 9.33
C ARG C 89 20.58 30.32 8.86
N GLU C 90 20.22 29.27 9.59
CA GLU C 90 20.74 27.93 9.30
C GLU C 90 19.86 27.12 8.38
N ARG C 91 18.58 27.46 8.31
CA ARG C 91 17.57 26.59 7.71
C ARG C 91 17.77 26.25 6.23
N ARG C 92 18.19 27.23 5.44
CA ARG C 92 18.48 26.98 4.04
C ARG C 92 19.60 25.96 3.85
N GLY C 93 20.67 26.08 4.64
CA GLY C 93 21.71 25.06 4.65
C GLY C 93 21.19 23.67 5.02
N TRP C 94 20.32 23.63 6.02
CA TRP C 94 19.74 22.37 6.51
C TRP C 94 18.89 21.72 5.44
N LYS C 95 18.16 22.55 4.70
CA LYS C 95 17.36 22.09 3.58
C LYS C 95 18.21 21.35 2.56
N THR C 96 19.20 22.07 2.06
CA THR C 96 20.14 21.56 1.06
C THR C 96 20.82 20.26 1.48
N ASN C 97 21.39 20.26 2.68
CA ASN C 97 22.00 19.08 3.25
C ASN C 97 21.02 17.90 3.31
N PHE C 98 19.81 18.17 3.78
CA PHE C 98 18.80 17.13 3.88
C PHE C 98 18.50 16.55 2.50
N ARG C 99 18.28 17.40 1.52
CA ARG C 99 17.86 16.92 0.21
C ARG C 99 18.97 16.15 -0.52
N CYS C 100 20.23 16.50 -0.28
CA CYS C 100 21.39 15.77 -0.80
C CYS C 100 21.58 14.40 -0.16
N ALA C 101 21.31 14.29 1.14
CA ALA C 101 21.33 13.01 1.81
C ALA C 101 20.28 12.08 1.23
N LEU C 102 19.07 12.59 1.05
CA LEU C 102 17.97 11.81 0.48
C LEU C 102 18.33 11.39 -0.94
N HIS C 103 18.83 12.34 -1.73
CA HIS C 103 19.19 11.99 -3.09
C HIS C 103 20.28 10.93 -3.09
N SER C 104 21.22 11.04 -2.15
CA SER C 104 22.32 10.10 -2.08
C SER C 104 21.87 8.81 -1.45
N THR C 105 20.57 8.66 -1.23
CA THR C 105 20.04 7.47 -0.58
C THR C 105 19.35 6.55 -1.58
N GLY C 106 20.09 5.55 -2.05
CA GLY C 106 19.66 4.72 -3.15
C GLY C 106 18.44 3.87 -2.92
N ARG C 107 18.12 3.58 -1.66
CA ARG C 107 16.96 2.74 -1.39
C ARG C 107 15.61 3.46 -1.53
N PHE C 108 15.63 4.77 -1.74
CA PHE C 108 14.40 5.50 -2.01
C PHE C 108 14.36 5.93 -3.47
N ILE C 109 13.38 5.42 -4.20
CA ILE C 109 13.28 5.67 -5.64
C ILE C 109 12.18 6.65 -5.88
N LEU C 110 12.51 7.78 -6.50
CA LEU C 110 11.51 8.79 -6.81
C LEU C 110 10.52 8.29 -7.85
N ARG C 111 9.25 8.18 -7.45
CA ARG C 111 8.21 7.69 -8.35
C ARG C 111 7.34 8.82 -8.92
N GLN C 112 7.15 9.89 -8.13
CA GLN C 112 6.28 10.97 -8.56
C GLN C 112 6.72 12.32 -7.98
N ASP C 113 6.82 13.34 -8.83
CA ASP C 113 7.19 14.67 -8.35
C ASP C 113 6.02 15.65 -8.30
N ASN C 114 5.46 15.82 -7.11
CA ASN C 114 4.31 16.71 -6.92
C ASN C 114 4.69 18.05 -6.30
N SER C 115 5.98 18.39 -6.41
CA SER C 115 6.51 19.62 -5.83
C SER C 115 6.04 20.88 -6.56
N GLY C 116 5.39 20.70 -7.71
CA GLY C 116 4.90 21.85 -8.45
C GLY C 116 3.53 22.29 -7.94
N ASP C 117 2.90 21.42 -7.16
CA ASP C 117 1.55 21.64 -6.67
C ASP C 117 1.49 22.85 -5.74
N PRO C 118 0.60 23.80 -6.04
CA PRO C 118 0.57 25.12 -5.40
C PRO C 118 0.19 25.02 -3.93
N VAL C 119 -0.64 24.03 -3.65
CA VAL C 119 -1.27 23.91 -2.34
C VAL C 119 -0.52 22.94 -1.40
N ASP C 120 0.01 21.86 -1.96
CA ASP C 120 0.68 20.84 -1.16
C ASP C 120 1.83 20.16 -1.88
N PRO C 121 2.92 20.90 -2.08
CA PRO C 121 4.10 20.40 -2.79
C PRO C 121 4.78 19.25 -2.05
N HIS C 122 5.00 18.15 -2.75
CA HIS C 122 5.67 17.01 -2.14
C HIS C 122 6.28 16.12 -3.21
N LYS C 123 7.06 15.12 -2.79
CA LYS C 123 7.58 14.11 -3.71
C LYS C 123 7.29 12.75 -3.14
N VAL C 124 7.15 11.76 -4.03
CA VAL C 124 6.79 10.42 -3.62
C VAL C 124 7.90 9.44 -3.95
N TYR C 125 8.32 8.70 -2.92
CA TYR C 125 9.36 7.67 -3.02
C TYR C 125 8.83 6.27 -2.72
N GLU C 126 9.41 5.28 -3.40
CA GLU C 126 9.11 3.88 -3.16
C GLU C 126 10.37 3.22 -2.65
N LEU C 127 10.23 2.27 -1.72
CA LEU C 127 11.38 1.50 -1.24
C LEU C 127 11.84 0.49 -2.30
N SER C 128 13.15 0.24 -2.35
CA SER C 128 13.70 -0.83 -3.16
C SER C 128 13.34 -2.18 -2.55
NA NA D . -19.43 2.56 -2.63
NA NA E . 4.17 -26.60 -3.06
C1 EDO F . -2.75 -22.23 -10.56
O1 EDO F . -2.64 -20.81 -10.52
C2 EDO F . -1.52 -22.82 -11.22
O2 EDO F . -0.34 -22.40 -10.55
C1 EDO G . -4.42 -34.23 13.55
O1 EDO G . -5.07 -32.95 13.64
C2 EDO G . -4.84 -34.96 12.28
O2 EDO G . -3.74 -35.75 11.77
C1 EDO H . -4.11 -36.39 6.80
O1 EDO H . -4.66 -35.95 5.56
C2 EDO H . -4.18 -35.30 7.84
O2 EDO H . -5.14 -35.65 8.85
NA NA I . 16.58 9.20 -3.74
C1 EDO J . 17.31 28.26 20.81
O1 EDO J . 15.98 28.48 21.32
C2 EDO J . 17.24 27.69 19.40
O2 EDO J . 18.13 28.40 18.54
#